data_5SY4
#
_entry.id   5SY4
#
_cell.length_a   43.875
_cell.length_b   78.313
_cell.length_c   99.434
_cell.angle_alpha   90.00
_cell.angle_beta   90.00
_cell.angle_gamma   90.00
#
_symmetry.space_group_name_H-M   'P 21 21 21'
#
loop_
_entity.id
_entity.type
_entity.pdbx_description
1 polymer 'Chaperone YajL'
2 non-polymer 'MAGNESIUM ION'
3 water water
#
_entity_poly.entity_id   1
_entity_poly.type   'polypeptide(L)'
_entity_poly.pdbx_seq_one_letter_code
;GSHMSASALVCLAPGSEETEAVTTIDLLVRGGIKVTTASVASDGNLAITCSRGVKLLADAPLVEVADGEYDVIVLPGGIK
GAECFRDSTLLVETVKQFHRSGRIVAAICAAPATVLVPHDIFPIGNMTGFPTLKDKIPAEQWLDKRVVWDARVKLLTSQG
PGTAIDFGLKIIDLLVGREKAHEVASQLVMAAGIYNYYE
;
_entity_poly.pdbx_strand_id   A,B
#
loop_
_chem_comp.id
_chem_comp.type
_chem_comp.name
_chem_comp.formula
MG non-polymer 'MAGNESIUM ION' 'Mg 2'
#
# COMPACT_ATOMS: atom_id res chain seq x y z
N SER A 5 -15.50 -4.07 17.40
CA SER A 5 -15.56 -5.52 17.57
C SER A 5 -15.12 -6.30 16.34
N ALA A 6 -15.25 -5.76 15.11
CA ALA A 6 -14.90 -6.52 13.93
C ALA A 6 -13.42 -6.74 13.86
N SER A 7 -13.01 -7.82 13.25
CA SER A 7 -11.59 -8.21 13.15
C SER A 7 -11.31 -8.87 11.86
N ALA A 8 -10.01 -8.80 11.46
CA ALA A 8 -9.54 -9.34 10.20
C ALA A 8 -8.21 -10.06 10.39
N LEU A 9 -8.07 -11.16 9.68
CA LEU A 9 -6.82 -11.92 9.61
C LEU A 9 -6.21 -11.71 8.24
N VAL A 10 -5.07 -11.02 8.18
CA VAL A 10 -4.41 -10.70 6.92
C VAL A 10 -3.17 -11.60 6.80
N CYS A 11 -3.17 -12.46 5.78
CA CYS A 11 -2.10 -13.41 5.61
C CYS A 11 -0.96 -12.80 4.78
N LEU A 12 0.25 -13.20 5.13
CA LEU A 12 1.48 -12.74 4.47
C LEU A 12 2.39 -13.93 4.19
N ALA A 13 2.93 -14.03 3.01
CA ALA A 13 3.90 -15.07 2.68
C ALA A 13 5.07 -14.42 1.97
N PRO A 14 6.20 -15.12 1.88
CA PRO A 14 7.29 -14.62 1.05
C PRO A 14 6.78 -14.32 -0.36
N GLY A 15 7.05 -13.11 -0.85
CA GLY A 15 6.57 -12.71 -2.15
C GLY A 15 5.17 -12.15 -2.21
N SER A 16 4.51 -11.94 -1.08
CA SER A 16 3.24 -11.21 -1.11
C SER A 16 3.44 -9.81 -1.65
N GLU A 17 2.40 -9.26 -2.28
CA GLU A 17 2.46 -7.91 -2.83
C GLU A 17 2.23 -6.91 -1.71
N GLU A 18 3.28 -6.13 -1.41
CA GLU A 18 3.29 -5.27 -0.25
C GLU A 18 2.31 -4.09 -0.31
N THR A 19 2.14 -3.48 -1.49
CA THR A 19 1.14 -2.43 -1.56
C THR A 19 -0.26 -2.97 -1.28
N GLU A 20 -0.56 -4.14 -1.85
CA GLU A 20 -1.89 -4.73 -1.61
C GLU A 20 -2.08 -5.01 -0.14
N ALA A 21 -1.09 -5.68 0.48
CA ALA A 21 -1.26 -6.04 1.88
C ALA A 21 -1.33 -4.83 2.80
N VAL A 22 -0.36 -3.90 2.66
CA VAL A 22 -0.26 -2.77 3.57
C VAL A 22 -1.42 -1.82 3.42
N THR A 23 -1.81 -1.53 2.16
CA THR A 23 -2.95 -0.63 1.97
C THR A 23 -4.19 -1.19 2.65
N THR A 24 -4.41 -2.50 2.47
CA THR A 24 -5.57 -3.14 3.07
C THR A 24 -5.52 -3.04 4.60
N ILE A 25 -4.37 -3.41 5.20
CA ILE A 25 -4.25 -3.34 6.65
C ILE A 25 -4.56 -1.94 7.16
N ASP A 26 -3.92 -0.93 6.54
CA ASP A 26 -4.07 0.45 6.97
C ASP A 26 -5.54 0.86 6.95
N LEU A 27 -6.21 0.61 5.82
CA LEU A 27 -7.63 0.98 5.72
C LEU A 27 -8.46 0.28 6.77
N LEU A 28 -8.23 -1.01 6.99
CA LEU A 28 -9.05 -1.73 7.97
C LEU A 28 -8.89 -1.11 9.35
N VAL A 29 -7.63 -0.79 9.73
CA VAL A 29 -7.40 -0.13 11.02
C VAL A 29 -8.11 1.19 11.09
N ARG A 30 -8.03 1.97 10.01
CA ARG A 30 -8.76 3.24 9.97
C ARG A 30 -10.30 3.06 10.15
N GLY A 31 -10.78 1.91 9.70
CA GLY A 31 -12.19 1.56 9.85
C GLY A 31 -12.56 1.03 11.23
N GLY A 32 -11.60 0.95 12.15
CA GLY A 32 -11.86 0.43 13.49
C GLY A 32 -11.86 -1.06 13.56
N ILE A 33 -11.35 -1.74 12.56
CA ILE A 33 -11.27 -3.21 12.53
C ILE A 33 -9.94 -3.62 13.13
N LYS A 34 -9.96 -4.58 14.06
N LYS A 34 -9.95 -4.59 14.04
CA LYS A 34 -8.75 -5.14 14.61
CA LYS A 34 -8.74 -5.11 14.66
C LYS A 34 -8.12 -5.99 13.56
C LYS A 34 -8.06 -6.08 13.72
N VAL A 35 -6.83 -5.79 13.30
CA VAL A 35 -6.13 -6.60 12.31
C VAL A 35 -4.99 -7.40 12.93
N THR A 36 -4.99 -8.68 12.64
N THR A 36 -4.97 -8.68 12.62
CA THR A 36 -3.85 -9.57 12.93
CA THR A 36 -3.84 -9.52 12.96
C THR A 36 -3.21 -9.95 11.62
C THR A 36 -3.21 -10.02 11.65
N THR A 37 -1.90 -9.82 11.51
CA THR A 37 -1.18 -10.35 10.39
C THR A 37 -0.57 -11.69 10.75
N ALA A 38 -0.66 -12.63 9.83
CA ALA A 38 -0.17 -14.01 10.02
C ALA A 38 0.82 -14.37 8.97
N SER A 39 1.95 -14.94 9.40
N SER A 39 1.98 -14.91 9.38
CA SER A 39 2.97 -15.50 8.51
CA SER A 39 2.89 -15.45 8.38
C SER A 39 2.55 -16.90 8.01
C SER A 39 2.47 -16.84 7.98
N VAL A 40 2.62 -17.09 6.69
CA VAL A 40 2.27 -18.33 6.04
C VAL A 40 3.52 -18.84 5.33
N ALA A 41 3.68 -20.17 5.40
CA ALA A 41 4.71 -20.77 4.57
C ALA A 41 6.10 -20.35 4.94
N SER A 42 6.30 -20.07 6.21
N SER A 42 6.28 -19.98 6.20
CA SER A 42 7.63 -19.60 6.67
CA SER A 42 7.56 -19.46 6.70
C SER A 42 8.10 -20.35 7.90
C SER A 42 8.02 -20.27 7.94
N ASP A 43 7.44 -21.45 8.23
CA ASP A 43 7.82 -22.27 9.38
C ASP A 43 7.83 -21.48 10.67
N GLY A 44 6.96 -20.50 10.77
CA GLY A 44 6.88 -19.70 11.95
C GLY A 44 7.64 -18.39 11.99
N ASN A 45 8.50 -18.19 11.01
N ASN A 45 8.46 -18.16 11.00
CA ASN A 45 9.30 -16.96 10.95
CA ASN A 45 9.22 -16.91 10.92
C ASN A 45 8.33 -15.84 10.56
C ASN A 45 8.24 -15.71 10.81
N LEU A 46 8.45 -14.74 11.29
N LEU A 46 8.51 -14.61 11.53
CA LEU A 46 7.56 -13.58 11.16
CA LEU A 46 7.67 -13.43 11.39
C LEU A 46 8.03 -12.51 10.21
C LEU A 46 8.18 -12.43 10.33
N ALA A 47 9.30 -12.59 9.83
N ALA A 47 9.44 -12.50 9.89
CA ALA A 47 9.85 -11.66 8.88
CA ALA A 47 9.96 -11.47 8.99
C ALA A 47 9.47 -12.14 7.47
C ALA A 47 9.79 -11.85 7.54
N ILE A 48 8.79 -11.28 6.77
N ILE A 48 8.81 -11.23 6.88
CA ILE A 48 8.34 -11.62 5.45
CA ILE A 48 8.37 -11.59 5.52
C ILE A 48 8.89 -10.61 4.46
C ILE A 48 8.93 -10.60 4.49
N THR A 49 9.63 -11.13 3.51
CA THR A 49 10.13 -10.30 2.38
C THR A 49 9.10 -10.36 1.25
N CYS A 50 8.52 -9.18 0.97
CA CYS A 50 7.49 -9.05 -0.02
C CYS A 50 8.08 -8.94 -1.43
N SER A 51 7.19 -8.87 -2.43
CA SER A 51 7.55 -9.02 -3.83
C SER A 51 8.53 -8.00 -4.38
N ARG A 52 8.55 -6.80 -3.85
CA ARG A 52 9.49 -5.74 -4.28
C ARG A 52 10.52 -5.45 -3.23
N GLY A 53 10.68 -6.38 -2.26
CA GLY A 53 11.71 -6.33 -1.25
C GLY A 53 11.35 -5.66 0.04
N VAL A 54 10.12 -5.13 0.18
CA VAL A 54 9.71 -4.56 1.45
C VAL A 54 9.64 -5.70 2.49
N LYS A 55 10.22 -5.50 3.65
N LYS A 55 10.24 -5.49 3.63
CA LYS A 55 10.22 -6.50 4.72
CA LYS A 55 10.26 -6.46 4.70
C LYS A 55 9.24 -6.11 5.82
C LYS A 55 9.30 -5.98 5.79
N LEU A 56 8.23 -6.95 6.06
N LEU A 56 8.34 -6.84 6.07
CA LEU A 56 7.23 -6.72 7.06
CA LEU A 56 7.33 -6.64 7.10
C LEU A 56 7.44 -7.73 8.20
C LEU A 56 7.52 -7.68 8.21
N LEU A 57 7.07 -7.33 9.40
CA LEU A 57 7.01 -8.27 10.53
C LEU A 57 5.56 -8.60 10.80
N ALA A 58 5.21 -9.86 10.62
CA ALA A 58 3.89 -10.38 10.93
C ALA A 58 3.71 -10.47 12.46
N ASP A 59 2.47 -10.46 12.90
CA ASP A 59 2.18 -10.60 14.31
C ASP A 59 2.42 -12.00 14.82
N ALA A 60 2.09 -13.01 14.04
CA ALA A 60 2.07 -14.40 14.54
C ALA A 60 2.17 -15.32 13.40
N PRO A 61 2.61 -16.59 13.61
CA PRO A 61 2.46 -17.62 12.61
C PRO A 61 1.00 -17.97 12.41
N LEU A 62 0.61 -18.29 11.18
CA LEU A 62 -0.75 -18.69 10.92
C LEU A 62 -1.23 -19.79 11.85
N VAL A 63 -0.38 -20.80 12.10
N VAL A 63 -0.37 -20.77 12.18
CA VAL A 63 -0.93 -21.93 12.87
CA VAL A 63 -0.79 -21.84 13.09
C VAL A 63 -1.45 -21.50 14.22
C VAL A 63 -1.30 -21.31 14.44
N GLU A 64 -0.88 -20.44 14.78
N GLU A 64 -0.78 -20.19 14.94
CA GLU A 64 -1.25 -19.94 16.10
CA GLU A 64 -1.22 -19.66 16.23
C GLU A 64 -2.55 -19.11 16.15
C GLU A 64 -2.55 -18.99 16.21
N VAL A 65 -3.00 -18.57 15.02
CA VAL A 65 -4.17 -17.70 14.93
C VAL A 65 -5.28 -18.16 14.01
N ALA A 66 -5.06 -19.29 13.31
CA ALA A 66 -6.00 -19.69 12.28
C ALA A 66 -7.39 -20.01 12.80
N ASP A 67 -7.49 -20.39 14.08
N ASP A 67 -7.50 -20.43 14.07
CA ASP A 67 -8.81 -20.70 14.68
CA ASP A 67 -8.80 -20.74 14.69
C ASP A 67 -9.32 -19.58 15.53
C ASP A 67 -9.42 -19.53 15.33
N GLY A 68 -8.77 -18.36 15.37
N GLY A 68 -8.83 -18.36 15.13
CA GLY A 68 -9.41 -17.20 15.93
CA GLY A 68 -9.25 -17.20 15.85
C GLY A 68 -10.75 -16.90 15.22
C GLY A 68 -10.57 -16.59 15.42
N GLU A 69 -11.50 -16.04 15.83
N GLU A 69 -11.07 -15.72 16.29
CA GLU A 69 -12.85 -15.69 15.41
CA GLU A 69 -12.34 -15.01 16.05
C GLU A 69 -12.85 -14.36 14.60
C GLU A 69 -12.06 -13.88 15.10
N TYR A 70 -11.96 -14.29 13.69
N TYR A 70 -12.17 -14.16 13.82
CA TYR A 70 -11.90 -13.13 12.79
CA TYR A 70 -11.99 -13.13 12.79
C TYR A 70 -13.15 -13.13 11.90
C TYR A 70 -13.11 -13.15 11.80
N ASP A 71 -13.57 -11.96 11.43
CA ASP A 71 -14.72 -11.86 10.52
C ASP A 71 -14.36 -12.07 9.08
N VAL A 72 -13.11 -11.88 8.72
CA VAL A 72 -12.64 -11.97 7.32
C VAL A 72 -11.22 -12.49 7.35
N ILE A 73 -10.90 -13.30 6.34
CA ILE A 73 -9.50 -13.69 6.04
C ILE A 73 -9.15 -13.04 4.72
N VAL A 74 -7.99 -12.35 4.72
CA VAL A 74 -7.53 -11.59 3.55
C VAL A 74 -6.31 -12.24 2.99
N LEU A 75 -6.36 -12.49 1.68
CA LEU A 75 -5.26 -13.05 0.88
C LEU A 75 -4.76 -12.00 -0.09
N PRO A 76 -3.64 -11.31 0.25
CA PRO A 76 -2.97 -10.48 -0.74
C PRO A 76 -2.51 -11.30 -1.92
N GLY A 77 -2.21 -10.60 -3.02
CA GLY A 77 -1.63 -11.18 -4.18
C GLY A 77 -0.13 -11.12 -4.15
N GLY A 78 0.45 -10.95 -5.33
CA GLY A 78 1.88 -11.20 -5.54
C GLY A 78 2.03 -12.66 -5.95
N ILE A 79 2.56 -12.95 -7.13
N ILE A 79 2.59 -12.94 -7.11
CA ILE A 79 2.46 -14.30 -7.63
CA ILE A 79 2.53 -14.28 -7.60
C ILE A 79 3.11 -15.33 -6.72
C ILE A 79 3.21 -15.29 -6.68
N LYS A 80 4.30 -15.01 -6.25
N LYS A 80 4.42 -14.99 -6.18
CA LYS A 80 5.02 -15.95 -5.39
CA LYS A 80 5.08 -15.96 -5.30
C LYS A 80 4.35 -16.13 -4.02
C LYS A 80 4.36 -16.14 -3.99
N GLY A 81 3.83 -15.06 -3.45
CA GLY A 81 3.09 -15.19 -2.21
C GLY A 81 1.84 -16.01 -2.39
N ALA A 82 1.13 -15.81 -3.50
CA ALA A 82 -0.08 -16.55 -3.74
C ALA A 82 0.22 -18.04 -3.98
N GLU A 83 1.35 -18.34 -4.64
CA GLU A 83 1.76 -19.75 -4.74
C GLU A 83 2.03 -20.35 -3.38
N CYS A 84 2.68 -19.62 -2.47
CA CYS A 84 2.89 -20.12 -1.11
C CYS A 84 1.55 -20.41 -0.45
N PHE A 85 0.56 -19.52 -0.60
CA PHE A 85 -0.77 -19.78 -0.03
C PHE A 85 -1.37 -21.03 -0.63
N ARG A 86 -1.32 -21.16 -1.97
CA ARG A 86 -1.91 -22.31 -2.65
C ARG A 86 -1.34 -23.60 -2.11
N ASP A 87 -0.04 -23.61 -1.86
CA ASP A 87 0.70 -24.82 -1.49
C ASP A 87 0.73 -25.07 0.00
N SER A 88 0.07 -24.25 0.78
CA SER A 88 -0.01 -24.41 2.24
C SER A 88 -1.34 -25.07 2.59
N THR A 89 -1.28 -26.32 3.03
N THR A 89 -1.26 -26.33 3.03
CA THR A 89 -2.51 -26.99 3.41
CA THR A 89 -2.48 -27.00 3.46
C THR A 89 -3.22 -26.26 4.55
C THR A 89 -3.20 -26.23 4.53
N LEU A 90 -2.47 -25.70 5.51
CA LEU A 90 -3.09 -24.95 6.58
C LEU A 90 -3.83 -23.72 6.04
N LEU A 91 -3.20 -22.96 5.14
CA LEU A 91 -3.87 -21.78 4.56
C LEU A 91 -5.18 -22.19 3.91
N VAL A 92 -5.11 -23.19 3.05
CA VAL A 92 -6.28 -23.60 2.26
C VAL A 92 -7.41 -24.06 3.20
N GLU A 93 -7.08 -24.92 4.16
N GLU A 93 -7.08 -24.92 4.16
CA GLU A 93 -8.07 -25.39 5.10
CA GLU A 93 -8.07 -25.38 5.11
C GLU A 93 -8.66 -24.24 5.91
C GLU A 93 -8.64 -24.25 5.92
N THR A 94 -7.83 -23.25 6.29
CA THR A 94 -8.34 -22.13 7.04
C THR A 94 -9.35 -21.31 6.20
N VAL A 95 -9.01 -21.09 4.92
CA VAL A 95 -9.92 -20.38 4.04
C VAL A 95 -11.27 -21.13 3.95
N LYS A 96 -11.19 -22.45 3.78
CA LYS A 96 -12.41 -23.28 3.70
C LYS A 96 -13.22 -23.16 4.99
N GLN A 97 -12.52 -23.21 6.14
N GLN A 97 -12.52 -23.20 6.13
CA GLN A 97 -13.22 -23.13 7.40
CA GLN A 97 -13.18 -23.12 7.43
C GLN A 97 -13.84 -21.75 7.64
C GLN A 97 -13.84 -21.76 7.65
N PHE A 98 -13.17 -20.66 7.23
CA PHE A 98 -13.82 -19.36 7.31
C PHE A 98 -15.12 -19.36 6.51
N HIS A 99 -15.07 -19.88 5.30
CA HIS A 99 -16.28 -19.90 4.51
C HIS A 99 -17.39 -20.72 5.16
N ARG A 100 -17.05 -21.93 5.61
N ARG A 100 -17.07 -21.92 5.62
CA ARG A 100 -18.09 -22.83 6.17
CA ARG A 100 -18.13 -22.80 6.16
C ARG A 100 -18.71 -22.31 7.44
C ARG A 100 -18.71 -22.35 7.48
N SER A 101 -18.00 -21.46 8.15
CA SER A 101 -18.48 -20.88 9.41
C SER A 101 -19.14 -19.50 9.23
N GLY A 102 -19.41 -19.16 7.97
CA GLY A 102 -20.18 -17.95 7.72
C GLY A 102 -19.42 -16.66 7.66
N ARG A 103 -18.11 -16.78 7.45
N ARG A 103 -18.10 -16.76 7.51
CA ARG A 103 -17.24 -15.61 7.43
CA ARG A 103 -17.23 -15.59 7.48
C ARG A 103 -16.84 -15.25 6.01
C ARG A 103 -16.85 -15.24 6.03
N ILE A 104 -16.14 -14.12 5.87
CA ILE A 104 -15.80 -13.60 4.56
C ILE A 104 -14.41 -14.06 4.15
N VAL A 105 -14.26 -14.41 2.87
CA VAL A 105 -12.94 -14.62 2.24
C VAL A 105 -12.73 -13.45 1.29
N ALA A 106 -11.59 -12.77 1.42
CA ALA A 106 -11.24 -11.63 0.59
C ALA A 106 -9.91 -11.88 -0.06
N ALA A 107 -9.83 -11.79 -1.38
CA ALA A 107 -8.60 -12.13 -2.10
C ALA A 107 -8.40 -11.16 -3.24
N ILE A 108 -7.13 -10.76 -3.46
CA ILE A 108 -6.82 -9.74 -4.46
C ILE A 108 -5.74 -10.25 -5.40
N CYS A 109 -5.77 -9.78 -6.66
N CYS A 109 -5.79 -9.69 -6.64
CA CYS A 109 -4.60 -9.87 -7.56
CA CYS A 109 -4.80 -9.74 -7.72
C CYS A 109 -4.37 -11.32 -8.02
C CYS A 109 -4.49 -11.17 -8.09
N ALA A 110 -3.22 -11.96 -7.76
N ALA A 110 -3.34 -11.68 -7.66
CA ALA A 110 -3.03 -13.35 -8.12
CA ALA A 110 -2.96 -13.06 -7.95
C ALA A 110 -3.77 -14.30 -7.21
C ALA A 110 -3.72 -14.21 -7.19
N ALA A 111 -4.24 -13.84 -6.04
CA ALA A 111 -4.76 -14.81 -5.08
C ALA A 111 -5.99 -15.58 -5.58
N PRO A 112 -6.98 -14.94 -6.24
CA PRO A 112 -8.13 -15.73 -6.70
C PRO A 112 -7.76 -16.89 -7.59
N ALA A 113 -7.01 -16.58 -8.68
CA ALA A 113 -6.66 -17.62 -9.64
C ALA A 113 -5.71 -18.65 -9.06
N THR A 114 -4.81 -18.24 -8.17
CA THR A 114 -3.76 -19.12 -7.72
C THR A 114 -4.20 -20.00 -6.56
N VAL A 115 -5.04 -19.45 -5.68
CA VAL A 115 -5.45 -20.16 -4.46
C VAL A 115 -6.85 -20.74 -4.62
N LEU A 116 -7.82 -19.90 -4.99
CA LEU A 116 -9.22 -20.32 -4.93
C LEU A 116 -9.60 -21.27 -6.01
N VAL A 117 -9.14 -21.05 -7.23
CA VAL A 117 -9.53 -21.87 -8.36
C VAL A 117 -8.94 -23.30 -8.29
N PRO A 118 -7.62 -23.47 -8.04
CA PRO A 118 -7.06 -24.83 -8.08
C PRO A 118 -7.67 -25.72 -7.00
N HIS A 119 -8.07 -25.13 -5.88
CA HIS A 119 -8.67 -25.89 -4.76
C HIS A 119 -10.18 -25.94 -4.83
N ASP A 120 -10.78 -25.34 -5.88
CA ASP A 120 -12.23 -25.40 -6.09
C ASP A 120 -13.00 -24.94 -4.87
N ILE A 121 -12.52 -23.87 -4.24
CA ILE A 121 -13.16 -23.41 -3.01
C ILE A 121 -14.58 -22.84 -3.22
N PHE A 122 -14.74 -22.16 -4.36
CA PHE A 122 -16.00 -21.48 -4.70
C PHE A 122 -16.36 -21.88 -6.13
N PRO A 123 -16.79 -23.09 -6.36
N PRO A 123 -16.81 -23.16 -6.31
CA PRO A 123 -16.85 -23.54 -7.78
CA PRO A 123 -17.02 -23.76 -7.60
C PRO A 123 -17.84 -22.86 -8.68
C PRO A 123 -17.89 -23.00 -8.59
N ILE A 124 -18.88 -22.24 -8.12
N ILE A 124 -18.85 -22.18 -8.09
CA ILE A 124 -19.77 -21.42 -8.98
CA ILE A 124 -19.72 -21.41 -9.01
C ILE A 124 -19.78 -20.00 -8.51
C ILE A 124 -19.88 -19.92 -8.64
N GLY A 125 -18.81 -19.60 -7.69
N GLY A 125 -19.06 -19.31 -7.79
CA GLY A 125 -18.72 -18.20 -7.30
CA GLY A 125 -19.30 -17.89 -7.41
C GLY A 125 -18.29 -17.29 -8.44
C GLY A 125 -18.66 -16.91 -8.41
N ASN A 126 -18.70 -16.03 -8.37
N ASN A 126 -19.03 -15.61 -8.36
CA ASN A 126 -18.19 -15.04 -9.30
CA ASN A 126 -18.42 -14.61 -9.23
C ASN A 126 -17.01 -14.33 -8.67
C ASN A 126 -17.07 -14.15 -8.65
N MET A 127 -16.03 -14.00 -9.49
CA MET A 127 -14.75 -13.49 -8.99
C MET A 127 -14.03 -12.73 -10.05
N THR A 128 -13.15 -11.83 -9.58
CA THR A 128 -12.16 -11.18 -10.40
C THR A 128 -10.78 -11.47 -9.86
N GLY A 129 -9.77 -10.89 -10.53
CA GLY A 129 -8.39 -10.99 -10.15
C GLY A 129 -7.54 -10.23 -11.15
N PHE A 130 -6.23 -10.43 -11.07
N PHE A 130 -6.23 -10.42 -11.11
CA PHE A 130 -5.33 -9.63 -11.91
CA PHE A 130 -5.40 -9.61 -12.02
C PHE A 130 -5.62 -9.98 -13.36
C PHE A 130 -5.81 -9.81 -13.49
N PRO A 131 -5.70 -8.96 -14.24
N PRO A 131 -6.03 -8.70 -14.24
CA PRO A 131 -6.22 -9.24 -15.60
CA PRO A 131 -6.66 -8.91 -15.55
C PRO A 131 -5.40 -10.19 -16.46
C PRO A 131 -5.92 -9.82 -16.51
N THR A 132 -4.10 -10.14 -16.33
N THR A 132 -4.59 -9.82 -16.55
CA THR A 132 -3.21 -11.02 -17.08
CA THR A 132 -3.88 -10.67 -17.50
C THR A 132 -3.35 -12.49 -16.66
C THR A 132 -3.84 -12.13 -17.03
N LEU A 133 -3.96 -12.72 -15.50
N LEU A 133 -4.37 -12.42 -15.84
CA LEU A 133 -4.29 -14.04 -15.03
CA LEU A 133 -4.49 -13.78 -15.36
C LEU A 133 -5.75 -14.42 -15.29
C LEU A 133 -5.95 -14.22 -15.41
N LYS A 134 -6.45 -13.67 -16.15
N LYS A 134 -6.75 -13.47 -16.17
CA LYS A 134 -7.82 -14.02 -16.50
CA LYS A 134 -8.17 -13.77 -16.19
C LYS A 134 -7.92 -15.48 -16.98
C LYS A 134 -8.58 -15.09 -16.75
N ASP A 135 -6.94 -15.93 -17.75
N ASP A 135 -7.79 -15.63 -17.70
CA ASP A 135 -6.98 -17.29 -18.29
CA ASP A 135 -8.09 -16.94 -18.27
C ASP A 135 -6.82 -18.40 -17.28
C ASP A 135 -7.86 -18.06 -17.27
N LYS A 136 -6.52 -18.08 -16.04
N LYS A 136 -7.30 -17.77 -16.12
CA LYS A 136 -6.42 -19.01 -14.94
CA LYS A 136 -7.15 -18.76 -15.07
C LYS A 136 -7.72 -19.07 -14.13
C LYS A 136 -8.37 -18.76 -14.16
N ILE A 137 -8.71 -18.26 -14.47
N ILE A 137 -9.34 -17.88 -14.43
CA ILE A 137 -10.04 -18.28 -13.81
CA ILE A 137 -10.61 -17.88 -13.75
C ILE A 137 -11.03 -18.88 -14.82
C ILE A 137 -11.66 -18.40 -14.74
N PRO A 138 -11.81 -19.89 -14.42
N PRO A 138 -12.47 -19.40 -14.35
CA PRO A 138 -12.74 -20.47 -15.38
CA PRO A 138 -13.46 -19.94 -15.29
C PRO A 138 -13.63 -19.38 -16.00
C PRO A 138 -14.33 -18.80 -15.86
N ALA A 139 -13.84 -19.47 -17.31
N ALA A 139 -14.55 -18.86 -17.17
CA ALA A 139 -14.46 -18.36 -18.03
CA ALA A 139 -15.27 -17.78 -17.84
C ALA A 139 -15.81 -17.95 -17.48
C ALA A 139 -16.62 -17.41 -17.24
N GLU A 140 -16.62 -18.93 -17.06
N GLU A 140 -17.37 -18.41 -16.74
CA GLU A 140 -17.97 -18.62 -16.55
CA GLU A 140 -18.71 -18.16 -16.17
C GLU A 140 -17.99 -17.96 -15.20
C GLU A 140 -18.68 -17.47 -14.81
N GLN A 141 -16.87 -17.95 -14.49
N GLN A 141 -17.49 -17.46 -14.17
CA GLN A 141 -16.72 -17.31 -13.19
CA GLN A 141 -17.29 -16.84 -12.85
C GLN A 141 -16.11 -15.93 -13.23
C GLN A 141 -16.64 -15.49 -12.99
N TRP A 142 -15.45 -15.56 -14.33
N TRP A 142 -15.87 -15.33 -14.09
CA TRP A 142 -14.70 -14.29 -14.41
CA TRP A 142 -14.97 -14.23 -14.25
C TRP A 142 -15.59 -13.03 -14.61
C TRP A 142 -15.78 -13.01 -14.51
N LEU A 143 -15.35 -11.96 -13.84
CA LEU A 143 -15.80 -10.62 -14.12
C LEU A 143 -14.57 -9.71 -14.13
N ASP A 144 -14.52 -8.78 -15.07
CA ASP A 144 -13.41 -7.81 -15.16
C ASP A 144 -13.83 -6.50 -14.50
N LYS A 145 -13.76 -6.45 -13.19
N LYS A 145 -13.69 -6.45 -13.19
CA LYS A 145 -14.26 -5.29 -12.40
CA LYS A 145 -14.24 -5.36 -12.41
C LYS A 145 -13.30 -5.03 -11.27
C LYS A 145 -13.32 -5.04 -11.26
N ARG A 146 -13.17 -3.77 -10.87
CA ARG A 146 -12.19 -3.41 -9.85
C ARG A 146 -12.38 -4.21 -8.56
N VAL A 147 -13.64 -4.36 -8.13
CA VAL A 147 -13.98 -5.18 -6.96
C VAL A 147 -15.20 -6.00 -7.34
N VAL A 148 -15.26 -7.24 -6.88
CA VAL A 148 -16.44 -8.09 -6.99
C VAL A 148 -16.78 -8.59 -5.62
N TRP A 149 -18.02 -8.35 -5.19
CA TRP A 149 -18.57 -8.91 -3.95
C TRP A 149 -19.63 -9.90 -4.32
N ASP A 150 -19.37 -11.18 -4.07
CA ASP A 150 -20.40 -12.24 -4.29
C ASP A 150 -20.98 -12.50 -2.91
N ALA A 151 -22.13 -11.87 -2.66
CA ALA A 151 -22.75 -11.97 -1.36
C ALA A 151 -23.27 -13.38 -1.05
N ARG A 152 -23.54 -14.16 -2.08
CA ARG A 152 -24.08 -15.52 -1.85
C ARG A 152 -23.08 -16.40 -1.14
N VAL A 153 -21.78 -16.28 -1.49
CA VAL A 153 -20.72 -17.08 -0.91
C VAL A 153 -19.77 -16.29 -0.03
N LYS A 154 -20.09 -15.02 0.19
N LYS A 154 -20.11 -15.02 0.22
CA LYS A 154 -19.25 -14.14 0.99
CA LYS A 154 -19.26 -14.13 1.00
C LYS A 154 -17.82 -14.11 0.49
C LYS A 154 -17.82 -14.15 0.49
N LEU A 155 -17.65 -13.95 -0.83
CA LEU A 155 -16.37 -13.88 -1.47
C LEU A 155 -16.16 -12.48 -2.03
N LEU A 156 -15.13 -11.80 -1.55
CA LEU A 156 -14.73 -10.49 -2.04
C LEU A 156 -13.44 -10.65 -2.83
N THR A 157 -13.43 -10.21 -4.09
CA THR A 157 -12.19 -10.25 -4.87
C THR A 157 -11.94 -8.89 -5.49
N SER A 158 -10.65 -8.69 -5.84
CA SER A 158 -10.25 -7.41 -6.46
C SER A 158 -9.03 -7.68 -7.31
N GLN A 159 -8.61 -6.66 -8.08
CA GLN A 159 -7.71 -6.91 -9.22
C GLN A 159 -6.22 -6.67 -9.05
N GLY A 160 -5.77 -5.65 -8.34
CA GLY A 160 -4.34 -5.35 -8.39
C GLY A 160 -3.93 -4.33 -7.40
N PRO A 161 -2.64 -3.95 -7.42
CA PRO A 161 -2.17 -2.95 -6.46
C PRO A 161 -3.01 -1.70 -6.47
N GLY A 162 -3.40 -1.25 -7.67
CA GLY A 162 -4.18 -0.06 -7.83
C GLY A 162 -5.64 -0.17 -7.44
N THR A 163 -6.13 -1.35 -7.11
CA THR A 163 -7.50 -1.50 -6.58
C THR A 163 -7.48 -1.81 -5.10
N ALA A 164 -6.33 -1.67 -4.43
CA ALA A 164 -6.30 -2.04 -3.01
C ALA A 164 -7.17 -1.14 -2.16
N ILE A 165 -7.27 0.16 -2.51
CA ILE A 165 -8.17 1.04 -1.77
C ILE A 165 -9.61 0.55 -1.92
N ASP A 166 -10.02 0.30 -3.16
CA ASP A 166 -11.41 -0.14 -3.40
C ASP A 166 -11.69 -1.40 -2.58
N PHE A 167 -10.72 -2.32 -2.58
CA PHE A 167 -10.84 -3.59 -1.84
C PHE A 167 -11.03 -3.36 -0.35
N GLY A 168 -10.12 -2.57 0.24
CA GLY A 168 -10.21 -2.32 1.66
C GLY A 168 -11.51 -1.63 2.05
N LEU A 169 -11.94 -0.65 1.24
CA LEU A 169 -13.18 0.06 1.55
C LEU A 169 -14.37 -0.89 1.55
N LYS A 170 -14.41 -1.84 0.63
CA LYS A 170 -15.57 -2.77 0.60
C LYS A 170 -15.55 -3.65 1.86
N ILE A 171 -14.37 -4.08 2.32
CA ILE A 171 -14.32 -4.82 3.58
C ILE A 171 -14.91 -3.99 4.70
N ILE A 172 -14.53 -2.70 4.80
CA ILE A 172 -15.09 -1.84 5.84
C ILE A 172 -16.60 -1.74 5.70
N ASP A 173 -17.09 -1.53 4.49
CA ASP A 173 -18.54 -1.44 4.27
C ASP A 173 -19.23 -2.67 4.81
N LEU A 174 -18.70 -3.85 4.53
CA LEU A 174 -19.31 -5.10 4.90
C LEU A 174 -19.28 -5.37 6.38
N LEU A 175 -18.18 -5.00 7.04
CA LEU A 175 -17.99 -5.35 8.47
C LEU A 175 -18.46 -4.29 9.43
N VAL A 176 -18.35 -3.02 9.05
N VAL A 176 -18.37 -3.02 9.06
CA VAL A 176 -18.62 -1.89 9.92
CA VAL A 176 -18.68 -1.94 10.00
C VAL A 176 -19.78 -1.08 9.41
C VAL A 176 -19.61 -0.89 9.40
N GLY A 177 -19.95 -0.97 8.11
CA GLY A 177 -21.04 -0.19 7.51
C GLY A 177 -20.59 0.90 6.58
N ARG A 178 -21.56 1.37 5.82
CA ARG A 178 -21.29 2.33 4.77
C ARG A 178 -20.77 3.65 5.31
N GLU A 179 -21.29 4.13 6.42
N GLU A 179 -21.31 4.14 6.41
CA GLU A 179 -20.87 5.40 6.96
CA GLU A 179 -20.88 5.43 6.94
C GLU A 179 -19.40 5.36 7.32
C GLU A 179 -19.41 5.38 7.33
N LYS A 180 -18.95 4.27 7.94
CA LYS A 180 -17.52 4.15 8.25
C LYS A 180 -16.68 4.05 7.00
N ALA A 181 -17.16 3.30 6.00
CA ALA A 181 -16.41 3.24 4.74
C ALA A 181 -16.22 4.63 4.13
N HIS A 182 -17.29 5.43 4.15
CA HIS A 182 -17.16 6.79 3.64
C HIS A 182 -16.22 7.62 4.49
N GLU A 183 -16.32 7.50 5.82
CA GLU A 183 -15.41 8.25 6.69
C GLU A 183 -13.95 7.93 6.31
N VAL A 184 -13.63 6.66 6.19
CA VAL A 184 -12.26 6.27 5.83
C VAL A 184 -11.89 6.80 4.45
N ALA A 185 -12.78 6.59 3.47
CA ALA A 185 -12.49 7.05 2.11
C ALA A 185 -12.17 8.54 2.10
N SER A 186 -12.92 9.32 2.88
CA SER A 186 -12.80 10.78 2.90
C SER A 186 -11.46 11.25 3.43
N GLN A 187 -10.74 10.36 4.16
N GLN A 187 -10.71 10.44 4.11
CA GLN A 187 -9.40 10.59 4.78
CA GLN A 187 -9.47 11.04 4.51
C GLN A 187 -8.31 10.53 3.73
C GLN A 187 -8.29 10.58 3.69
N LEU A 188 -8.54 9.91 2.57
CA LEU A 188 -7.44 9.38 1.78
C LEU A 188 -6.97 10.28 0.66
N VAL A 189 -7.82 11.17 0.17
CA VAL A 189 -7.56 11.92 -1.09
C VAL A 189 -7.53 10.95 -2.25
N MET A 190 -8.65 10.21 -2.39
CA MET A 190 -8.76 9.18 -3.42
C MET A 190 -8.92 9.73 -4.83
N ALA A 191 -8.43 8.97 -5.80
CA ALA A 191 -8.63 9.31 -7.20
C ALA A 191 -10.08 9.30 -7.58
N ALA A 192 -10.36 10.15 -8.58
N ALA A 192 -10.49 10.20 -8.47
CA ALA A 192 -11.59 10.09 -9.32
CA ALA A 192 -11.92 10.39 -8.79
C ALA A 192 -11.69 8.72 -9.92
C ALA A 192 -12.69 9.15 -9.29
N GLY A 193 -12.88 8.16 -9.84
N GLY A 193 -12.02 8.14 -9.84
CA GLY A 193 -13.12 6.85 -10.34
CA GLY A 193 -12.74 6.94 -10.34
C GLY A 193 -13.38 5.87 -9.25
C GLY A 193 -13.26 5.94 -9.31
N ILE A 194 -12.81 6.07 -8.06
CA ILE A 194 -13.00 5.12 -6.95
C ILE A 194 -14.25 5.53 -6.15
N TYR A 195 -15.07 4.53 -5.84
CA TYR A 195 -16.29 4.77 -5.05
C TYR A 195 -15.96 5.12 -3.60
N ASN A 196 -16.58 6.21 -3.12
N ASN A 196 -16.60 6.19 -3.14
CA ASN A 196 -16.33 6.72 -1.79
CA ASN A 196 -16.34 6.72 -1.82
C ASN A 196 -17.46 6.50 -0.77
C ASN A 196 -17.41 6.46 -0.77
N TYR A 197 -18.48 5.72 -1.15
CA TYR A 197 -19.52 5.29 -0.20
C TYR A 197 -20.35 6.44 0.34
N TYR A 198 -20.29 7.62 -0.28
N TYR A 198 -20.27 7.64 -0.23
CA TYR A 198 -21.08 8.75 0.15
CA TYR A 198 -21.09 8.75 0.27
C TYR A 198 -22.54 8.49 -0.16
C TYR A 198 -22.57 8.56 -0.10
N GLU A 199 -23.35 8.86 0.82
N GLU A 199 -23.50 9.00 0.93
CA GLU A 199 -24.84 8.85 0.83
CA GLU A 199 -24.85 8.90 1.45
C GLU A 199 -25.77 8.10 -0.15
C GLU A 199 -25.71 7.70 1.17
N SER B 5 20.29 2.93 -13.13
CA SER B 5 21.25 3.71 -12.34
C SER B 5 20.58 4.68 -11.34
N ALA B 6 19.31 5.10 -11.51
CA ALA B 6 18.69 6.05 -10.65
C ALA B 6 18.46 5.42 -9.27
N SER B 7 18.46 6.25 -8.24
CA SER B 7 18.31 5.77 -6.89
C SER B 7 17.55 6.74 -6.03
N ALA B 8 16.89 6.20 -5.00
CA ALA B 8 16.03 6.96 -4.10
C ALA B 8 16.29 6.56 -2.66
N LEU B 9 16.33 7.56 -1.81
CA LEU B 9 16.46 7.40 -0.35
C LEU B 9 15.08 7.67 0.27
N VAL B 10 14.42 6.63 0.77
CA VAL B 10 13.07 6.75 1.32
C VAL B 10 13.20 6.73 2.84
N CYS B 11 12.86 7.81 3.49
CA CYS B 11 12.98 7.88 4.93
C CYS B 11 11.76 7.34 5.62
N LEU B 12 12.00 6.72 6.81
CA LEU B 12 10.95 6.11 7.60
C LEU B 12 11.15 6.48 9.04
N ALA B 13 10.08 6.68 9.78
CA ALA B 13 10.13 6.98 11.21
C ALA B 13 9.00 6.27 11.91
N PRO B 14 9.13 6.12 13.23
CA PRO B 14 7.95 5.69 14.00
C PRO B 14 6.78 6.59 13.68
N GLY B 15 5.64 5.99 13.33
CA GLY B 15 4.49 6.77 12.97
C GLY B 15 4.41 7.24 11.52
N SER B 16 5.35 6.84 10.65
CA SER B 16 5.17 7.11 9.23
C SER B 16 3.90 6.43 8.70
N GLU B 17 3.34 7.02 7.67
CA GLU B 17 2.13 6.48 7.04
C GLU B 17 2.54 5.35 6.12
N GLU B 18 2.15 4.11 6.45
CA GLU B 18 2.63 2.94 5.80
C GLU B 18 2.17 2.78 4.37
N THR B 19 0.92 3.16 4.06
CA THR B 19 0.48 3.10 2.66
C THR B 19 1.32 4.05 1.81
N GLU B 20 1.55 5.25 2.30
CA GLU B 20 2.35 6.22 1.55
C GLU B 20 3.74 5.67 1.32
N ALA B 21 4.39 5.18 2.37
CA ALA B 21 5.75 4.69 2.24
C ALA B 21 5.87 3.50 1.35
N VAL B 22 5.05 2.47 1.63
CA VAL B 22 5.17 1.20 0.93
C VAL B 22 4.77 1.31 -0.56
N THR B 23 3.66 2.03 -0.82
CA THR B 23 3.24 2.20 -2.22
C THR B 23 4.39 2.84 -3.01
N THR B 24 4.98 3.88 -2.42
CA THR B 24 6.07 4.60 -3.10
C THR B 24 7.24 3.66 -3.35
N ILE B 25 7.68 2.93 -2.32
CA ILE B 25 8.82 2.02 -2.51
C ILE B 25 8.54 1.00 -3.61
N ASP B 26 7.35 0.39 -3.56
CA ASP B 26 6.99 -0.64 -4.54
C ASP B 26 7.07 -0.08 -5.96
N LEU B 27 6.42 1.07 -6.17
CA LEU B 27 6.46 1.68 -7.50
C LEU B 27 7.87 2.00 -7.97
N LEU B 28 8.68 2.55 -7.07
CA LEU B 28 10.06 2.90 -7.47
C LEU B 28 10.82 1.65 -7.92
N VAL B 29 10.68 0.55 -7.16
CA VAL B 29 11.31 -0.70 -7.55
C VAL B 29 10.82 -1.17 -8.89
N ARG B 30 9.49 -1.12 -9.12
CA ARG B 30 8.94 -1.48 -10.41
C ARG B 30 9.51 -0.62 -11.56
N GLY B 31 9.85 0.64 -11.23
CA GLY B 31 10.45 1.55 -12.19
C GLY B 31 11.96 1.33 -12.41
N GLY B 32 12.54 0.33 -11.77
CA GLY B 32 13.98 0.07 -11.92
C GLY B 32 14.86 1.01 -11.11
N ILE B 33 14.30 1.73 -10.15
CA ILE B 33 15.03 2.63 -9.30
C ILE B 33 15.55 1.83 -8.10
N LYS B 34 16.82 2.05 -7.73
N LYS B 34 16.82 2.01 -7.78
CA LYS B 34 17.39 1.41 -6.53
CA LYS B 34 17.38 1.41 -6.56
C LYS B 34 16.96 2.17 -5.32
C LYS B 34 16.85 2.18 -5.37
N VAL B 35 16.27 1.49 -4.42
CA VAL B 35 15.70 2.13 -3.23
C VAL B 35 16.46 1.70 -2.00
N THR B 36 16.81 2.67 -1.18
CA THR B 36 17.28 2.43 0.19
C THR B 36 16.30 3.06 1.13
N THR B 37 15.80 2.31 2.10
CA THR B 37 15.01 2.90 3.16
C THR B 37 15.90 3.20 4.36
N ALA B 38 15.71 4.39 4.91
CA ALA B 38 16.53 4.92 6.01
C ALA B 38 15.67 5.19 7.21
N SER B 39 15.99 4.60 8.36
CA SER B 39 15.32 4.93 9.59
C SER B 39 15.79 6.25 10.15
N VAL B 40 14.82 7.07 10.55
CA VAL B 40 15.04 8.33 11.25
C VAL B 40 14.62 8.17 12.70
N ALA B 41 14.43 6.92 13.17
CA ALA B 41 14.20 6.72 14.59
C ALA B 41 15.37 7.33 15.37
N SER B 42 15.08 7.95 16.50
CA SER B 42 16.14 8.70 17.21
C SER B 42 17.29 7.84 17.68
N ASP B 43 17.00 6.57 17.97
CA ASP B 43 17.99 5.63 18.48
C ASP B 43 18.65 4.78 17.37
N GLY B 44 18.26 4.96 16.13
CA GLY B 44 18.74 4.13 15.06
C GLY B 44 18.05 2.82 14.84
N ASN B 45 16.99 2.53 15.61
CA ASN B 45 16.24 1.30 15.41
C ASN B 45 15.71 1.18 14.00
N LEU B 46 15.83 0.00 13.40
CA LEU B 46 15.33 -0.24 12.05
C LEU B 46 13.96 -0.89 11.98
N ALA B 47 13.43 -1.41 13.11
CA ALA B 47 12.14 -2.09 13.06
C ALA B 47 11.06 -1.09 13.43
N ILE B 48 10.44 -0.49 12.42
CA ILE B 48 9.60 0.68 12.58
C ILE B 48 8.12 0.29 12.65
N THR B 49 7.43 0.81 13.68
CA THR B 49 5.97 0.69 13.74
C THR B 49 5.37 1.93 13.14
N CYS B 50 4.62 1.70 12.07
CA CYS B 50 3.97 2.79 11.31
C CYS B 50 2.67 3.22 11.97
N SER B 51 2.04 4.23 11.37
CA SER B 51 0.93 4.95 11.97
C SER B 51 -0.31 4.10 12.28
N ARG B 52 -0.53 3.03 11.53
CA ARG B 52 -1.65 2.11 11.75
C ARG B 52 -1.18 0.73 12.24
N GLY B 53 0.08 0.69 12.71
CA GLY B 53 0.62 -0.50 13.34
C GLY B 53 1.37 -1.42 12.46
N VAL B 54 1.47 -1.17 11.15
CA VAL B 54 2.28 -2.02 10.31
C VAL B 54 3.75 -1.90 10.71
N LYS B 55 4.42 -3.06 10.84
CA LYS B 55 5.81 -3.14 11.23
C LYS B 55 6.66 -3.39 10.00
N LEU B 56 7.54 -2.42 9.70
N LEU B 56 7.47 -2.36 9.66
CA LEU B 56 8.29 -2.32 8.48
CA LEU B 56 8.37 -2.31 8.48
C LEU B 56 9.78 -2.25 8.84
C LEU B 56 9.79 -2.38 8.96
N LEU B 57 10.64 -3.05 8.19
CA LEU B 57 12.09 -2.96 8.48
C LEU B 57 12.75 -2.02 7.52
N ALA B 58 13.41 -1.01 8.05
CA ALA B 58 14.25 -0.13 7.22
C ALA B 58 15.56 -0.85 6.88
N ASP B 59 16.14 -0.46 5.75
CA ASP B 59 17.41 -1.03 5.34
C ASP B 59 18.58 -0.58 6.18
N ALA B 60 18.57 0.68 6.63
CA ALA B 60 19.75 1.26 7.25
C ALA B 60 19.36 2.39 8.13
N PRO B 61 20.16 2.75 9.14
CA PRO B 61 19.95 3.99 9.86
C PRO B 61 20.36 5.17 8.98
N LEU B 62 19.66 6.28 9.08
CA LEU B 62 19.96 7.43 8.23
C LEU B 62 21.45 7.80 8.27
N VAL B 63 22.08 7.78 9.45
CA VAL B 63 23.47 8.26 9.50
C VAL B 63 24.37 7.46 8.60
N GLU B 64 24.07 6.19 8.33
N GLU B 64 24.09 6.20 8.32
CA GLU B 64 24.91 5.33 7.50
CA GLU B 64 24.96 5.41 7.48
C GLU B 64 24.78 5.53 6.01
C GLU B 64 24.73 5.70 5.99
N VAL B 65 23.68 6.14 5.56
N VAL B 65 23.67 6.41 5.65
CA VAL B 65 23.38 6.24 4.12
CA VAL B 65 23.32 6.65 4.26
C VAL B 65 23.09 7.67 3.66
C VAL B 65 23.05 8.11 3.86
N ALA B 66 23.03 8.66 4.54
N ALA B 66 23.07 9.04 4.81
CA ALA B 66 22.63 10.02 4.15
CA ALA B 66 22.63 10.38 4.53
C ALA B 66 23.53 10.67 3.12
C ALA B 66 23.45 11.10 3.46
N ASP B 67 24.82 10.33 3.18
N ASP B 67 24.72 10.68 3.31
CA ASP B 67 25.89 10.81 2.31
CA ASP B 67 25.63 11.26 2.30
C ASP B 67 25.97 10.01 1.01
C ASP B 67 25.69 10.50 1.00
N GLY B 68 25.00 9.10 0.78
N GLY B 68 24.80 9.51 0.78
CA GLY B 68 24.99 8.27 -0.36
CA GLY B 68 24.80 8.79 -0.50
C GLY B 68 24.63 9.01 -1.62
C GLY B 68 24.33 9.64 -1.71
N GLU B 69 24.75 8.28 -2.71
N GLU B 69 24.76 9.30 -2.92
CA GLU B 69 24.50 8.83 -4.03
CA GLU B 69 24.42 10.08 -4.09
C GLU B 69 23.07 8.54 -4.49
C GLU B 69 23.06 9.70 -4.68
N TYR B 70 22.16 9.34 -3.98
N TYR B 70 22.12 9.44 -3.83
CA TYR B 70 20.74 9.24 -4.32
CA TYR B 70 20.73 9.22 -4.25
C TYR B 70 20.26 10.45 -5.11
C TYR B 70 20.20 10.43 -5.01
N ASP B 71 19.36 10.20 -6.04
CA ASP B 71 18.80 11.27 -6.84
C ASP B 71 17.64 12.03 -6.19
N VAL B 72 16.97 11.37 -5.24
CA VAL B 72 15.81 11.93 -4.58
C VAL B 72 15.80 11.46 -3.13
N ILE B 73 15.33 12.32 -2.25
CA ILE B 73 15.01 11.96 -0.87
C ILE B 73 13.50 12.07 -0.72
N VAL B 74 12.92 11.00 -0.19
CA VAL B 74 11.47 10.89 -0.07
C VAL B 74 11.07 10.92 1.40
N LEU B 75 10.13 11.81 1.71
CA LEU B 75 9.57 11.97 3.06
C LEU B 75 8.10 11.56 3.02
N PRO B 76 7.79 10.34 3.49
CA PRO B 76 6.38 9.97 3.73
C PRO B 76 5.78 10.85 4.80
N GLY B 77 4.45 10.87 4.83
CA GLY B 77 3.69 11.53 5.85
C GLY B 77 3.40 10.61 7.02
N GLY B 78 2.22 10.82 7.61
CA GLY B 78 1.94 10.27 8.94
C GLY B 78 2.36 11.30 9.95
N ILE B 79 1.44 11.81 10.77
CA ILE B 79 1.76 13.00 11.56
C ILE B 79 2.94 12.77 12.47
N LYS B 80 2.94 11.63 13.22
CA LYS B 80 4.05 11.41 14.17
C LYS B 80 5.34 11.12 13.45
N GLY B 81 5.29 10.47 12.29
CA GLY B 81 6.51 10.23 11.52
C GLY B 81 7.09 11.56 11.03
N ALA B 82 6.22 12.44 10.54
CA ALA B 82 6.66 13.72 10.05
C ALA B 82 7.22 14.58 11.17
N GLU B 83 6.62 14.50 12.38
CA GLU B 83 7.16 15.22 13.52
C GLU B 83 8.58 14.70 13.85
N CYS B 84 8.75 13.38 13.80
N CYS B 84 8.74 13.38 13.81
CA CYS B 84 10.10 12.83 13.99
CA CYS B 84 10.07 12.81 13.99
C CYS B 84 11.09 13.37 13.00
C CYS B 84 11.06 13.42 13.01
N PHE B 85 10.71 13.44 11.72
CA PHE B 85 11.56 14.05 10.71
C PHE B 85 11.89 15.50 11.04
N ARG B 86 10.85 16.29 11.38
CA ARG B 86 11.02 17.71 11.68
C ARG B 86 12.04 17.90 12.80
N ASP B 87 12.00 17.02 13.79
CA ASP B 87 12.78 17.16 15.00
C ASP B 87 14.12 16.48 14.94
N SER B 88 14.47 15.87 13.81
CA SER B 88 15.76 15.23 13.61
C SER B 88 16.70 16.20 12.87
N THR B 89 17.74 16.64 13.59
N THR B 89 17.76 16.63 13.56
CA THR B 89 18.74 17.51 12.98
CA THR B 89 18.67 17.58 12.93
C THR B 89 19.31 16.88 11.73
C THR B 89 19.36 16.91 11.75
N LEU B 90 19.66 15.61 11.82
CA LEU B 90 20.27 14.92 10.66
C LEU B 90 19.31 14.89 9.47
N LEU B 91 18.03 14.57 9.71
CA LEU B 91 17.08 14.53 8.60
C LEU B 91 17.03 15.91 7.92
N VAL B 92 16.85 16.95 8.73
CA VAL B 92 16.71 18.29 8.15
C VAL B 92 17.96 18.69 7.36
N GLU B 93 19.12 18.46 7.95
N GLU B 93 19.13 18.41 7.95
CA GLU B 93 20.37 18.73 7.21
CA GLU B 93 20.37 18.71 7.23
C GLU B 93 20.47 17.96 5.94
C GLU B 93 20.48 17.95 5.96
N THR B 94 20.01 16.69 5.94
CA THR B 94 20.08 15.87 4.75
C THR B 94 19.17 16.42 3.66
N VAL B 95 17.94 16.78 4.03
CA VAL B 95 17.02 17.40 3.06
C VAL B 95 17.63 18.65 2.46
N LYS B 96 18.18 19.50 3.32
CA LYS B 96 18.81 20.74 2.84
C LYS B 96 19.95 20.40 1.89
N GLN B 97 20.74 19.40 2.21
N GLN B 97 20.74 19.36 2.19
CA GLN B 97 21.86 19.05 1.36
CA GLN B 97 21.88 18.97 1.33
C GLN B 97 21.41 18.49 0.01
C GLN B 97 21.40 18.47 -0.02
N PHE B 98 20.37 17.64 -0.02
CA PHE B 98 19.81 17.22 -1.31
C PHE B 98 19.41 18.43 -2.14
N HIS B 99 18.69 19.36 -1.52
CA HIS B 99 18.23 20.54 -2.29
C HIS B 99 19.42 21.35 -2.78
N ARG B 100 20.38 21.62 -1.91
N ARG B 100 20.37 21.67 -1.89
CA ARG B 100 21.51 22.52 -2.27
CA ARG B 100 21.47 22.57 -2.28
C ARG B 100 22.45 21.93 -3.25
C ARG B 100 22.34 21.96 -3.36
N SER B 101 22.43 20.62 -3.40
CA SER B 101 23.26 19.91 -4.37
C SER B 101 22.55 19.60 -5.66
N GLY B 102 21.37 20.19 -5.87
CA GLY B 102 20.68 20.04 -7.17
C GLY B 102 19.89 18.78 -7.32
N ARG B 103 19.55 18.14 -6.21
CA ARG B 103 18.79 16.89 -6.25
C ARG B 103 17.33 17.19 -5.82
N ILE B 104 16.50 16.15 -5.83
CA ILE B 104 15.07 16.31 -5.67
C ILE B 104 14.66 15.99 -4.25
N VAL B 105 13.75 16.79 -3.70
CA VAL B 105 13.08 16.52 -2.45
C VAL B 105 11.64 16.18 -2.78
N ALA B 106 11.17 15.03 -2.27
CA ALA B 106 9.79 14.56 -2.52
C ALA B 106 9.13 14.34 -1.19
N ALA B 107 7.97 14.96 -0.96
CA ALA B 107 7.33 14.88 0.37
C ALA B 107 5.81 14.79 0.18
N ILE B 108 5.19 13.94 0.98
CA ILE B 108 3.76 13.68 0.85
C ILE B 108 3.02 13.91 2.17
N CYS B 109 1.75 14.34 2.08
N CYS B 109 1.74 14.28 2.02
CA CYS B 109 0.81 14.24 3.24
CA CYS B 109 0.68 14.36 3.08
C CYS B 109 1.19 15.25 4.31
C CYS B 109 1.08 15.29 4.20
N ALA B 110 1.53 14.82 5.53
N ALA B 110 1.43 14.82 5.39
CA ALA B 110 1.91 15.70 6.61
CA ALA B 110 1.81 15.78 6.43
C ALA B 110 3.33 16.28 6.41
C ALA B 110 3.26 16.30 6.33
N ALA B 111 4.13 15.65 5.53
CA ALA B 111 5.54 16.03 5.53
C ALA B 111 5.80 17.47 5.06
N PRO B 112 5.12 17.99 4.01
CA PRO B 112 5.41 19.40 3.62
C PRO B 112 5.20 20.38 4.74
N ALA B 113 4.00 20.38 5.34
CA ALA B 113 3.70 21.33 6.38
C ALA B 113 4.48 21.12 7.66
N THR B 114 4.82 19.88 7.97
CA THR B 114 5.44 19.57 9.26
C THR B 114 6.95 19.73 9.20
N VAL B 115 7.55 19.37 8.08
CA VAL B 115 9.02 19.36 7.94
C VAL B 115 9.50 20.59 7.16
N LEU B 116 8.96 20.77 5.96
CA LEU B 116 9.54 21.76 5.05
C LEU B 116 9.23 23.18 5.43
N VAL B 117 7.98 23.46 5.81
CA VAL B 117 7.58 24.83 6.12
C VAL B 117 8.27 25.36 7.37
N PRO B 118 8.27 24.64 8.50
CA PRO B 118 8.86 25.20 9.72
C PRO B 118 10.34 25.49 9.60
N HIS B 119 11.04 24.69 8.82
CA HIS B 119 12.46 24.84 8.60
C HIS B 119 12.78 25.80 7.45
N ASP B 120 11.76 26.27 6.76
CA ASP B 120 11.92 27.27 5.68
C ASP B 120 12.91 26.78 4.62
N ILE B 121 12.79 25.51 4.27
CA ILE B 121 13.70 24.94 3.30
C ILE B 121 13.40 25.45 1.86
N PHE B 122 12.13 25.72 1.61
CA PHE B 122 11.63 26.14 0.32
C PHE B 122 10.84 27.45 0.50
N PRO B 123 11.50 28.57 0.76
CA PRO B 123 10.73 29.81 1.00
C PRO B 123 9.96 30.28 -0.24
N ILE B 124 10.44 29.90 -1.42
CA ILE B 124 9.80 30.15 -2.70
C ILE B 124 9.54 28.83 -3.33
N GLY B 125 8.35 28.65 -3.84
CA GLY B 125 8.00 27.44 -4.57
C GLY B 125 6.57 27.01 -4.29
N ASN B 126 5.99 26.33 -5.25
CA ASN B 126 4.66 25.76 -5.04
C ASN B 126 4.73 24.44 -4.33
N MET B 127 3.71 24.18 -3.48
CA MET B 127 3.65 22.93 -2.75
C MET B 127 2.24 22.61 -2.39
N THR B 128 2.02 21.31 -2.19
CA THR B 128 0.76 20.82 -1.63
C THR B 128 1.09 19.92 -0.43
N GLY B 129 0.01 19.39 0.16
CA GLY B 129 0.11 18.46 1.26
C GLY B 129 -1.27 18.08 1.69
N PHE B 130 -1.38 17.46 2.87
N PHE B 130 -1.42 17.45 2.84
CA PHE B 130 -2.67 16.91 3.29
CA PHE B 130 -2.75 16.97 3.22
C PHE B 130 -3.59 18.07 3.47
C PHE B 130 -3.74 18.15 3.34
N PRO B 131 -4.83 17.94 2.97
N PRO B 131 -4.95 18.06 2.72
CA PRO B 131 -5.69 19.14 2.85
CA PRO B 131 -5.77 19.28 2.74
C PRO B 131 -6.12 19.76 4.15
C PRO B 131 -6.19 19.79 4.12
N THR B 132 -6.30 18.96 5.19
CA THR B 132 -6.67 19.54 6.50
C THR B 132 -5.57 20.39 7.11
N LEU B 133 -4.34 20.24 6.59
CA LEU B 133 -3.19 21.01 7.01
C LEU B 133 -2.89 22.12 5.98
N LYS B 134 -3.83 22.43 5.09
N LYS B 134 -3.82 22.49 5.12
CA LYS B 134 -3.65 23.44 4.05
CA LYS B 134 -3.46 23.51 4.15
C LYS B 134 -3.11 24.72 4.63
C LYS B 134 -3.16 24.87 4.78
N ASP B 135 -3.71 25.15 5.73
N ASP B 135 -3.76 25.19 5.92
CA ASP B 135 -3.39 26.46 6.27
CA ASP B 135 -3.45 26.47 6.55
C ASP B 135 -2.03 26.52 6.93
C ASP B 135 -2.06 26.53 7.20
N LYS B 136 -1.37 25.37 7.08
N LYS B 136 -1.32 25.42 7.18
CA LYS B 136 0.01 25.27 7.55
CA LYS B 136 0.07 25.36 7.61
C LYS B 136 1.02 25.39 6.43
C LYS B 136 1.03 25.50 6.46
N ILE B 137 0.54 25.57 5.20
N ILE B 137 0.54 25.65 5.23
CA ILE B 137 1.36 25.88 4.03
CA ILE B 137 1.37 25.94 4.08
C ILE B 137 1.12 27.38 3.71
C ILE B 137 1.11 27.41 3.73
N PRO B 138 2.14 28.22 3.53
CA PRO B 138 1.91 29.61 3.22
C PRO B 138 0.97 29.75 2.01
N ALA B 139 0.06 30.71 2.10
CA ALA B 139 -1.00 30.80 1.11
C ALA B 139 -0.46 31.01 -0.29
N GLU B 140 0.64 31.74 -0.43
CA GLU B 140 1.18 31.99 -1.77
C GLU B 140 1.85 30.79 -2.37
N GLN B 141 2.10 29.74 -1.57
CA GLN B 141 2.75 28.53 -2.02
C GLN B 141 1.73 27.41 -2.31
N TRP B 142 0.59 27.40 -1.60
CA TRP B 142 -0.35 26.28 -1.67
C TRP B 142 -0.96 26.11 -3.06
N LEU B 143 -1.03 24.86 -3.47
CA LEU B 143 -1.93 24.42 -4.56
C LEU B 143 -2.66 23.19 -4.09
N ASP B 144 -3.91 23.05 -4.52
CA ASP B 144 -4.75 21.89 -4.22
C ASP B 144 -4.73 20.94 -5.38
N LYS B 145 -3.61 20.27 -5.60
CA LYS B 145 -3.41 19.32 -6.70
C LYS B 145 -2.91 18.02 -6.11
N ARG B 146 -3.25 16.91 -6.76
CA ARG B 146 -2.84 15.61 -6.26
C ARG B 146 -1.34 15.49 -6.13
N VAL B 147 -0.62 16.02 -7.11
CA VAL B 147 0.82 16.13 -7.13
C VAL B 147 1.17 17.54 -7.56
N VAL B 148 2.20 18.12 -6.95
CA VAL B 148 2.76 19.41 -7.38
C VAL B 148 4.23 19.17 -7.63
N TRP B 149 4.69 19.46 -8.83
CA TRP B 149 6.11 19.42 -9.20
C TRP B 149 6.56 20.83 -9.53
N ASP B 150 7.43 21.38 -8.70
CA ASP B 150 8.00 22.70 -8.96
C ASP B 150 9.44 22.49 -9.33
N ALA B 151 9.69 22.50 -10.64
CA ALA B 151 11.04 22.26 -11.14
C ALA B 151 12.01 23.36 -10.79
N ARG B 152 11.53 24.56 -10.47
CA ARG B 152 12.45 25.66 -10.15
C ARG B 152 13.27 25.37 -8.93
N VAL B 153 12.69 24.62 -7.97
CA VAL B 153 13.32 24.27 -6.70
C VAL B 153 13.46 22.76 -6.52
N LYS B 154 13.13 21.99 -7.57
N LYS B 154 13.13 21.99 -7.57
CA LYS B 154 13.14 20.53 -7.56
CA LYS B 154 13.17 20.54 -7.52
C LYS B 154 12.41 19.97 -6.34
C LYS B 154 12.44 20.00 -6.30
N LEU B 155 11.19 20.46 -6.14
CA LEU B 155 10.34 20.04 -5.01
C LEU B 155 9.09 19.34 -5.57
N LEU B 156 8.94 18.07 -5.18
CA LEU B 156 7.76 17.27 -5.53
C LEU B 156 6.95 17.06 -4.25
N THR B 157 5.67 17.46 -4.26
CA THR B 157 4.82 17.22 -3.13
C THR B 157 3.54 16.55 -3.59
N SER B 158 2.86 15.93 -2.62
CA SER B 158 1.62 15.22 -2.91
C SER B 158 0.78 15.18 -1.61
N GLN B 159 -0.49 14.76 -1.76
CA GLN B 159 -1.48 15.06 -0.72
C GLN B 159 -1.78 13.98 0.34
N GLY B 160 -1.82 12.69 0.00
CA GLY B 160 -2.34 11.75 1.03
C GLY B 160 -2.14 10.34 0.61
N PRO B 161 -2.64 9.42 1.45
CA PRO B 161 -2.49 7.99 1.11
C PRO B 161 -2.98 7.64 -0.26
N GLY B 162 -4.12 8.25 -0.64
CA GLY B 162 -4.72 8.01 -1.93
C GLY B 162 -4.03 8.64 -3.12
N THR B 163 -3.04 9.50 -2.88
CA THR B 163 -2.24 10.04 -3.99
C THR B 163 -0.85 9.40 -4.04
N ALA B 164 -0.64 8.29 -3.31
CA ALA B 164 0.68 7.69 -3.29
C ALA B 164 1.06 7.12 -4.65
N ILE B 165 0.10 6.57 -5.42
CA ILE B 165 0.43 6.11 -6.75
C ILE B 165 0.86 7.28 -7.63
N ASP B 166 0.08 8.37 -7.60
CA ASP B 166 0.45 9.55 -8.41
C ASP B 166 1.86 10.02 -8.07
N PHE B 167 2.15 10.05 -6.78
CA PHE B 167 3.45 10.50 -6.28
C PHE B 167 4.58 9.59 -6.76
N GLY B 168 4.42 8.27 -6.58
CA GLY B 168 5.43 7.37 -7.05
C GLY B 168 5.65 7.42 -8.54
N LEU B 169 4.56 7.52 -9.32
CA LEU B 169 4.72 7.60 -10.75
C LEU B 169 5.47 8.88 -11.16
N LYS B 170 5.22 9.99 -10.46
CA LYS B 170 5.95 11.22 -10.82
C LYS B 170 7.42 11.08 -10.48
N ILE B 171 7.77 10.42 -9.37
CA ILE B 171 9.20 10.17 -9.10
C ILE B 171 9.81 9.36 -10.22
N ILE B 172 9.10 8.33 -10.70
CA ILE B 172 9.60 7.56 -11.83
C ILE B 172 9.80 8.47 -13.04
N ASP B 173 8.85 9.30 -13.35
CA ASP B 173 9.03 10.26 -14.48
C ASP B 173 10.27 11.11 -14.29
N LEU B 174 10.49 11.63 -13.11
CA LEU B 174 11.63 12.52 -12.83
C LEU B 174 12.97 11.83 -12.85
N LEU B 175 13.02 10.53 -12.56
CA LEU B 175 14.28 9.81 -12.49
C LEU B 175 14.58 8.99 -13.73
N VAL B 176 13.54 8.43 -14.35
CA VAL B 176 13.68 7.47 -15.44
C VAL B 176 12.90 7.86 -16.69
N GLY B 177 11.84 8.60 -16.55
CA GLY B 177 11.12 9.17 -17.68
C GLY B 177 9.73 8.62 -17.93
N ARG B 178 9.07 9.23 -18.88
CA ARG B 178 7.66 8.99 -19.12
C ARG B 178 7.38 7.58 -19.55
N GLU B 179 8.26 7.00 -20.39
CA GLU B 179 8.02 5.66 -20.87
C GLU B 179 7.96 4.66 -19.72
N LYS B 180 8.90 4.77 -18.80
CA LYS B 180 8.91 3.89 -17.63
C LYS B 180 7.73 4.19 -16.73
N ALA B 181 7.38 5.45 -16.52
CA ALA B 181 6.20 5.76 -15.70
C ALA B 181 4.96 5.12 -16.27
N HIS B 182 4.77 5.22 -17.58
CA HIS B 182 3.62 4.61 -18.22
C HIS B 182 3.66 3.09 -18.07
N GLU B 183 4.85 2.48 -18.23
CA GLU B 183 4.97 1.06 -18.09
C GLU B 183 4.54 0.63 -16.69
N VAL B 184 5.03 1.29 -15.67
CA VAL B 184 4.66 0.92 -14.30
C VAL B 184 3.19 1.17 -14.07
N ALA B 185 2.67 2.30 -14.50
CA ALA B 185 1.25 2.58 -14.32
C ALA B 185 0.38 1.48 -14.89
N SER B 186 0.79 0.98 -16.05
CA SER B 186 0.00 -0.03 -16.79
CA SER B 186 0.02 -0.02 -16.77
C SER B 186 -0.08 -1.37 -16.04
N GLN B 187 0.78 -1.61 -15.07
CA GLN B 187 0.85 -2.84 -14.27
C GLN B 187 -0.17 -2.84 -13.14
N LEU B 188 -0.71 -1.65 -12.76
CA LEU B 188 -1.30 -1.51 -11.42
C LEU B 188 -2.79 -1.75 -11.36
N VAL B 189 -3.51 -1.62 -12.45
CA VAL B 189 -4.99 -1.54 -12.45
C VAL B 189 -5.41 -0.28 -11.69
N MET B 190 -4.79 0.85 -12.08
CA MET B 190 -5.04 2.08 -11.36
C MET B 190 -6.36 2.75 -11.82
N ALA B 191 -6.88 3.56 -10.94
CA ALA B 191 -8.12 4.28 -11.18
C ALA B 191 -7.94 5.33 -12.26
N ALA B 192 -9.09 5.65 -12.84
N ALA B 192 -9.06 5.57 -12.97
CA ALA B 192 -9.25 6.92 -13.52
CA ALA B 192 -9.02 6.47 -14.18
C ALA B 192 -9.11 8.04 -12.50
C ALA B 192 -8.56 7.91 -13.84
N GLY B 193 -8.59 9.18 -12.93
N GLY B 193 -8.72 8.34 -12.59
CA GLY B 193 -8.24 10.21 -12.04
CA GLY B 193 -8.37 9.70 -12.22
C GLY B 193 -6.76 10.16 -11.77
C GLY B 193 -6.90 10.02 -11.94
N ILE B 194 -6.03 9.07 -12.12
CA ILE B 194 -4.58 9.15 -11.94
C ILE B 194 -3.95 9.24 -13.37
N TYR B 195 -3.12 10.25 -13.56
CA TYR B 195 -2.48 10.40 -14.86
C TYR B 195 -1.59 9.21 -15.20
N ASN B 196 -1.71 8.70 -16.45
CA ASN B 196 -1.01 7.45 -16.81
C ASN B 196 0.17 7.63 -17.79
N TYR B 197 0.57 8.88 -18.03
CA TYR B 197 1.83 9.11 -18.80
C TYR B 197 1.77 8.65 -20.22
N TYR B 198 0.58 8.49 -20.81
N TYR B 198 0.54 8.70 -20.78
CA TYR B 198 0.60 8.46 -22.27
CA TYR B 198 0.20 8.31 -22.15
C TYR B 198 -0.45 9.37 -22.85
C TYR B 198 -0.58 9.44 -22.83
N GLU B 199 -0.10 9.96 -23.94
N GLU B 199 0.16 10.62 -23.45
CA GLU B 199 -0.92 10.84 -24.70
CA GLU B 199 -1.02 11.17 -24.21
C GLU B 199 -0.79 10.44 -26.18
C GLU B 199 -0.81 11.05 -25.72
MG MG C . -15.18 -25.37 -12.58
MG MG D . 7.62 32.33 3.75
#